data_3IH7
#
_entry.id   3IH7
#
_cell.length_a   91.000
_cell.length_b   91.000
_cell.length_c   211.600
_cell.angle_alpha   90.00
_cell.angle_beta   90.00
_cell.angle_gamma   120.00
#
_symmetry.space_group_name_H-M   'P 65 2 2'
#
loop_
_entity.id
_entity.type
_entity.pdbx_description
1 polymer 'N-glycosylase/DNA lyase'
2 polymer "5'-D(*GP*GP*TP*AP*GP*AP*CP*CP*TP*GP*GP*AP*CP*G)-3'"
3 polymer "5'-D(AP*TP*CP*TP*GP*GP*AP*CP*CP*TP*GP*CP*A)-3'"
#
loop_
_entity_poly.entity_id
_entity_poly.type
_entity_poly.pdbx_seq_one_letter_code
_entity_poly.pdbx_strand_id
1 'polypeptide(L)'
;EFGHRTLASTPALWASIPCPRSELRLDLVLPSGQSFRWREQSPAHWSGVLADQVWTLTQTEEQLHCTVYRGDLSQASRPT
PDELEAVRKYFQLDVTLAQLYHHWGSVDSHFQEVAQKFQGVRLLRQDPIECLFSFICSSNNNIARITGMVERLCQAFGPR
LIQLDDVTYHGFPSLQALAGPEVEAHLRKLGLGYRARYVSASARAILEEQGGLAWLQQLRESSYEEAHKALCILPGVGTK
VADCICLMALDKPQAVPVDVHMWHIAQRDYSWHPTTSQAKGPCPQTNKELGNFFRSLWGPYAGWAQAVLFSADLRQ
;
A
2 'polydeoxyribonucleotide' (DG)(DG)(DT)(DA)(DG)(DA)(DC)(DC)(DT)(DG)(DG)(DA)(DC)(DG) B
3 'polydeoxyribonucleotide' (DA)(DC)(DG)(DT)(DC)(DC)(DA)(DG)(DG)(DT)(DC)(DT)(DA) C
#
loop_
_chem_comp.id
_chem_comp.type
_chem_comp.name
_chem_comp.formula
DA DNA linking 2'-DEOXYADENOSINE-5'-MONOPHOSPHATE 'C10 H14 N5 O6 P'
DC DNA linking 2'-DEOXYCYTIDINE-5'-MONOPHOSPHATE 'C9 H14 N3 O7 P'
DG DNA linking 2'-DEOXYGUANOSINE-5'-MONOPHOSPHATE 'C10 H14 N5 O7 P'
DT DNA linking THYMIDINE-5'-MONOPHOSPHATE 'C10 H15 N2 O8 P'
#
# COMPACT_ATOMS: atom_id res chain seq x y z
N GLU A 1 4.19 -1.21 32.55
CA GLU A 1 4.77 -1.52 31.24
C GLU A 1 4.49 -0.42 30.23
N PHE A 2 5.55 0.15 29.68
CA PHE A 2 5.41 1.23 28.70
C PHE A 2 6.16 0.92 27.41
N GLY A 3 6.11 1.86 26.48
CA GLY A 3 6.77 1.71 25.20
C GLY A 3 6.10 0.68 24.33
N HIS A 4 6.75 0.35 23.21
CA HIS A 4 6.23 -0.65 22.29
C HIS A 4 6.41 -2.05 22.86
N ARG A 5 5.37 -2.88 22.71
CA ARG A 5 5.39 -4.23 23.24
C ARG A 5 6.18 -5.18 22.35
N THR A 6 6.68 -6.26 22.95
CA THR A 6 7.29 -7.35 22.20
C THR A 6 6.63 -8.65 22.63
N LEU A 7 6.76 -9.68 21.81
CA LEU A 7 6.15 -10.97 22.12
C LEU A 7 6.73 -11.54 23.40
N ALA A 8 7.98 -11.20 23.68
CA ALA A 8 8.67 -11.69 24.87
C ALA A 8 8.29 -10.90 26.12
N SER A 9 8.30 -9.58 26.03
CA SER A 9 8.10 -8.73 27.19
C SER A 9 6.69 -8.83 27.79
N THR A 10 5.68 -8.93 26.93
CA THR A 10 4.30 -8.94 27.39
C THR A 10 3.48 -10.05 26.73
N PRO A 11 3.88 -11.32 26.96
CA PRO A 11 3.26 -12.48 26.31
C PRO A 11 1.75 -12.51 26.47
N ALA A 12 1.26 -12.17 27.67
CA ALA A 12 -0.16 -12.30 27.99
C ALA A 12 -1.06 -11.42 27.13
N LEU A 13 -0.46 -10.52 26.37
CA LEU A 13 -1.24 -9.54 25.61
C LEU A 13 -1.26 -9.78 24.10
N TRP A 14 -0.71 -10.92 23.67
CA TRP A 14 -0.64 -11.22 22.24
C TRP A 14 -1.57 -12.35 21.83
N ALA A 15 -2.37 -12.09 20.80
CA ALA A 15 -3.16 -13.14 20.15
C ALA A 15 -2.51 -13.45 18.81
N SER A 16 -2.73 -14.65 18.29
CA SER A 16 -2.07 -15.07 17.07
C SER A 16 -3.01 -15.62 16.00
N ILE A 17 -2.94 -15.02 14.81
CA ILE A 17 -3.66 -15.52 13.66
C ILE A 17 -2.78 -16.52 12.92
N PRO A 18 -3.28 -17.75 12.74
CA PRO A 18 -2.52 -18.79 12.03
C PRO A 18 -2.09 -18.33 10.64
N CYS A 19 -0.78 -18.30 10.40
CA CYS A 19 -0.25 -17.85 9.13
C CYS A 19 1.23 -18.22 8.99
N PRO A 20 1.58 -18.96 7.92
CA PRO A 20 2.95 -19.40 7.67
C PRO A 20 3.72 -18.32 6.94
N ARG A 21 5.03 -18.26 7.16
CA ARG A 21 5.87 -17.27 6.48
C ARG A 21 5.75 -17.35 4.96
N SER A 22 5.31 -18.49 4.45
CA SER A 22 5.14 -18.66 3.01
C SER A 22 3.96 -17.83 2.53
N GLU A 23 3.00 -17.62 3.43
CA GLU A 23 1.77 -16.90 3.11
C GLU A 23 1.95 -15.40 3.30
N LEU A 24 2.80 -15.02 4.25
CA LEU A 24 3.00 -13.61 4.58
C LEU A 24 4.38 -13.34 5.18
N ARG A 25 5.08 -12.38 4.60
CA ARG A 25 6.38 -11.95 5.12
C ARG A 25 6.36 -10.44 5.40
N LEU A 26 6.15 -10.09 6.66
CA LEU A 26 6.06 -8.69 7.08
C LEU A 26 7.23 -7.87 6.53
N ASP A 27 8.44 -8.38 6.70
CA ASP A 27 9.64 -7.66 6.28
C ASP A 27 9.73 -7.47 4.77
N LEU A 28 8.81 -8.09 4.05
CA LEU A 28 8.78 -8.00 2.60
C LEU A 28 7.48 -7.37 2.10
N VAL A 29 6.68 -6.85 3.02
CA VAL A 29 5.38 -6.29 2.67
C VAL A 29 5.19 -4.86 3.17
N LEU A 30 5.39 -4.67 4.47
CA LEU A 30 5.14 -3.38 5.11
C LEU A 30 6.10 -2.27 4.65
N PRO A 31 7.41 -2.54 4.63
CA PRO A 31 8.36 -1.53 4.20
C PRO A 31 8.55 -1.53 2.68
N SER A 32 7.79 -2.37 2.00
CA SER A 32 7.99 -2.58 0.56
C SER A 32 7.43 -1.44 -0.29
N GLY A 33 6.76 -0.49 0.34
CA GLY A 33 6.24 0.66 -0.37
C GLY A 33 4.80 0.53 -0.81
N GLN A 34 4.05 -0.34 -0.14
CA GLN A 34 2.60 -0.38 -0.33
C GLN A 34 1.98 0.59 0.67
N SER A 35 2.27 0.37 1.95
CA SER A 35 1.94 1.34 2.98
C SER A 35 3.21 2.02 3.47
N PHE A 36 3.09 3.27 3.90
CA PHE A 36 4.25 4.03 4.38
C PHE A 36 4.06 4.34 5.86
N ARG A 37 3.31 3.49 6.54
CA ARG A 37 2.87 3.79 7.89
C ARG A 37 3.26 2.71 8.90
N TRP A 38 4.12 1.79 8.48
CA TRP A 38 4.59 0.74 9.38
C TRP A 38 6.08 0.89 9.64
N ARG A 39 6.45 0.90 10.92
CA ARG A 39 7.85 0.97 11.31
C ARG A 39 8.24 -0.21 12.17
N GLU A 40 9.45 -0.69 11.98
CA GLU A 40 9.98 -1.78 12.79
C GLU A 40 10.64 -1.21 14.04
N GLN A 41 9.83 -0.61 14.90
CA GLN A 41 10.32 0.01 16.13
C GLN A 41 11.23 -0.95 16.88
N SER A 42 10.80 -2.20 16.96
CA SER A 42 11.59 -3.27 17.56
C SER A 42 11.87 -4.35 16.51
N PRO A 43 13.05 -5.00 16.57
CA PRO A 43 13.44 -6.07 15.65
C PRO A 43 12.31 -7.08 15.39
N ALA A 44 11.91 -7.24 14.13
CA ALA A 44 10.85 -8.19 13.78
C ALA A 44 9.48 -7.81 14.36
N HIS A 45 9.39 -6.62 14.92
CA HIS A 45 8.13 -6.10 15.47
C HIS A 45 7.71 -4.82 14.76
N TRP A 46 6.69 -4.93 13.93
CA TRP A 46 6.22 -3.80 13.13
C TRP A 46 5.01 -3.11 13.75
N SER A 47 5.13 -1.81 13.98
CA SER A 47 4.06 -1.04 14.59
C SER A 47 3.50 0.01 13.64
N GLY A 48 2.20 0.26 13.73
CA GLY A 48 1.54 1.21 12.83
C GLY A 48 0.04 1.25 13.06
N VAL A 49 -0.63 2.17 12.37
CA VAL A 49 -2.06 2.35 12.54
C VAL A 49 -2.88 1.45 11.63
N LEU A 50 -3.85 0.75 12.22
CA LEU A 50 -4.74 -0.12 11.46
C LEU A 50 -6.15 0.04 12.00
N ALA A 51 -7.07 0.49 11.14
CA ALA A 51 -8.46 0.67 11.51
C ALA A 51 -8.60 1.63 12.70
N ASP A 52 -7.97 2.80 12.59
CA ASP A 52 -8.00 3.79 13.65
C ASP A 52 -7.54 3.21 14.99
N GLN A 53 -6.52 2.37 14.93
CA GLN A 53 -5.97 1.74 16.12
C GLN A 53 -4.52 1.32 15.87
N VAL A 54 -3.72 1.31 16.93
CA VAL A 54 -2.33 0.92 16.80
C VAL A 54 -2.12 -0.57 17.06
N TRP A 55 -1.30 -1.19 16.22
CA TRP A 55 -0.98 -2.61 16.36
C TRP A 55 0.52 -2.82 16.30
N THR A 56 0.99 -3.91 16.91
CA THR A 56 2.37 -4.35 16.73
C THR A 56 2.36 -5.78 16.23
N LEU A 57 2.97 -6.01 15.07
CA LEU A 57 2.91 -7.31 14.41
C LEU A 57 4.27 -8.01 14.37
N THR A 58 4.28 -9.28 14.76
CA THR A 58 5.47 -10.11 14.66
C THR A 58 5.04 -11.53 14.30
N GLN A 59 5.89 -12.26 13.60
CA GLN A 59 5.49 -13.59 13.11
C GLN A 59 6.51 -14.68 13.41
N THR A 60 6.00 -15.87 13.74
CA THR A 60 6.82 -17.05 13.87
C THR A 60 6.74 -17.83 12.55
N GLU A 61 6.92 -19.15 12.60
CA GLU A 61 6.90 -19.95 11.39
C GLU A 61 5.49 -20.29 10.91
N GLU A 62 4.56 -20.41 11.85
CA GLU A 62 3.21 -20.82 11.51
C GLU A 62 2.14 -19.88 12.07
N GLN A 63 2.58 -18.87 12.80
CA GLN A 63 1.65 -17.94 13.42
C GLN A 63 2.04 -16.49 13.19
N LEU A 64 1.02 -15.62 13.17
CA LEU A 64 1.24 -14.18 13.13
C LEU A 64 0.68 -13.58 14.42
N HIS A 65 1.57 -13.11 15.28
CA HIS A 65 1.16 -12.58 16.58
C HIS A 65 0.82 -11.10 16.50
N CYS A 66 -0.25 -10.73 17.19
CA CYS A 66 -0.79 -9.38 17.14
C CYS A 66 -1.08 -8.85 18.53
N THR A 67 -0.85 -7.55 18.72
CA THR A 67 -1.19 -6.88 19.96
C THR A 67 -1.76 -5.51 19.63
N VAL A 68 -2.83 -5.12 20.32
CA VAL A 68 -3.50 -3.87 20.01
C VAL A 68 -3.52 -2.89 21.20
N TYR A 69 -3.33 -1.61 20.88
CA TYR A 69 -3.43 -0.57 21.90
C TYR A 69 -4.67 0.27 21.62
N ARG A 70 -5.71 0.09 22.41
CA ARG A 70 -6.97 0.79 22.20
C ARG A 70 -6.92 2.22 22.75
N SER A 74 -9.48 2.22 29.01
CA SER A 74 -8.02 2.28 28.96
C SER A 74 -7.42 1.06 29.64
N GLN A 75 -8.05 -0.09 29.47
CA GLN A 75 -7.59 -1.33 30.08
C GLN A 75 -6.90 -2.25 29.08
N ALA A 76 -5.72 -2.75 29.44
CA ALA A 76 -4.95 -3.61 28.56
C ALA A 76 -5.55 -5.00 28.44
N SER A 77 -5.51 -5.55 27.23
CA SER A 77 -6.07 -6.87 26.95
C SER A 77 -5.66 -7.36 25.56
N ARG A 78 -5.49 -8.67 25.41
CA ARG A 78 -5.18 -9.24 24.11
C ARG A 78 -6.33 -9.00 23.15
N PRO A 79 -6.02 -8.87 21.85
CA PRO A 79 -7.02 -8.59 20.81
C PRO A 79 -8.23 -9.53 20.85
N THR A 80 -9.41 -8.99 20.58
CA THR A 80 -10.63 -9.80 20.52
C THR A 80 -10.67 -10.58 19.20
N PRO A 81 -11.65 -11.50 19.06
CA PRO A 81 -11.79 -12.23 17.80
C PRO A 81 -12.10 -11.31 16.63
N ASP A 82 -12.87 -10.26 16.89
CA ASP A 82 -13.28 -9.33 15.84
C ASP A 82 -12.15 -8.36 15.48
N GLU A 83 -11.38 -7.95 16.47
CA GLU A 83 -10.23 -7.07 16.24
C GLU A 83 -9.20 -7.78 15.38
N LEU A 84 -9.02 -9.08 15.61
CA LEU A 84 -8.10 -9.88 14.80
C LEU A 84 -8.62 -10.01 13.38
N GLU A 85 -9.95 -10.08 13.24
CA GLU A 85 -10.56 -10.12 11.93
C GLU A 85 -10.14 -8.92 11.09
N ALA A 86 -10.14 -7.75 11.72
CA ALA A 86 -9.69 -6.53 11.06
C ALA A 86 -8.30 -6.72 10.46
N VAL A 87 -7.48 -7.52 11.14
CA VAL A 87 -6.11 -7.78 10.69
C VAL A 87 -6.10 -8.72 9.49
N ARG A 88 -6.87 -9.81 9.56
CA ARG A 88 -6.99 -10.73 8.45
C ARG A 88 -7.47 -10.01 7.20
N LYS A 89 -8.50 -9.18 7.36
CA LYS A 89 -9.02 -8.38 6.26
C LYS A 89 -7.92 -7.53 5.64
N TYR A 90 -7.07 -6.96 6.49
CA TYR A 90 -6.04 -6.03 6.03
C TYR A 90 -5.01 -6.72 5.14
N PHE A 91 -4.59 -7.92 5.53
CA PHE A 91 -3.61 -8.67 4.76
C PHE A 91 -4.27 -9.60 3.74
N GLN A 92 -5.60 -9.58 3.70
CA GLN A 92 -6.36 -10.39 2.77
C GLN A 92 -5.96 -11.86 2.89
N LEU A 93 -5.98 -12.37 4.12
CA LEU A 93 -5.48 -13.70 4.43
C LEU A 93 -6.33 -14.83 3.85
N ASP A 94 -7.40 -14.48 3.14
CA ASP A 94 -8.20 -15.49 2.46
C ASP A 94 -7.63 -15.80 1.08
N VAL A 95 -6.99 -14.81 0.47
CA VAL A 95 -6.30 -15.02 -0.79
C VAL A 95 -5.05 -15.86 -0.55
N THR A 96 -5.07 -17.10 -1.03
CA THR A 96 -3.94 -18.02 -0.84
C THR A 96 -2.79 -17.70 -1.79
N LEU A 97 -1.66 -17.31 -1.22
CA LEU A 97 -0.49 -16.91 -1.98
C LEU A 97 0.16 -18.11 -2.65
N ALA A 98 0.13 -19.24 -1.97
CA ALA A 98 0.70 -20.48 -2.50
C ALA A 98 0.10 -20.84 -3.85
N GLN A 99 -1.20 -20.56 -4.01
CA GLN A 99 -1.90 -20.85 -5.26
C GLN A 99 -1.45 -19.90 -6.37
N LEU A 100 -1.50 -18.61 -6.09
CA LEU A 100 -1.10 -17.60 -7.07
C LEU A 100 0.34 -17.81 -7.50
N TYR A 101 1.21 -18.08 -6.54
CA TYR A 101 2.62 -18.34 -6.82
C TYR A 101 2.78 -19.51 -7.77
N HIS A 102 1.98 -20.56 -7.56
CA HIS A 102 2.00 -21.72 -8.43
C HIS A 102 1.55 -21.37 -9.84
N HIS A 103 0.56 -20.50 -9.94
CA HIS A 103 0.01 -20.11 -11.24
C HIS A 103 0.97 -19.24 -12.05
N TRP A 104 1.55 -18.24 -11.40
CA TRP A 104 2.50 -17.36 -12.08
C TRP A 104 3.77 -18.12 -12.45
N GLY A 105 4.15 -19.07 -11.61
CA GLY A 105 5.30 -19.91 -11.88
C GLY A 105 4.99 -20.93 -12.96
N SER A 106 3.71 -21.32 -13.05
CA SER A 106 3.28 -22.32 -14.02
C SER A 106 3.22 -21.76 -15.44
N VAL A 107 2.92 -20.47 -15.56
CA VAL A 107 2.79 -19.83 -16.87
C VAL A 107 3.94 -18.86 -17.13
N ASP A 108 4.90 -18.83 -16.22
CA ASP A 108 6.06 -17.97 -16.36
C ASP A 108 7.29 -18.58 -15.69
N SER A 109 8.45 -18.46 -16.35
CA SER A 109 9.68 -19.05 -15.86
C SER A 109 10.49 -18.08 -15.00
N HIS A 110 10.72 -16.88 -15.51
CA HIS A 110 11.50 -15.89 -14.78
C HIS A 110 10.91 -15.63 -13.39
N PHE A 111 9.59 -15.63 -13.32
CA PHE A 111 8.90 -15.48 -12.05
C PHE A 111 9.21 -16.68 -11.17
N GLN A 112 8.98 -17.88 -11.71
CA GLN A 112 9.22 -19.12 -10.97
C GLN A 112 10.64 -19.17 -10.38
N GLU A 113 11.54 -18.38 -10.97
CA GLU A 113 12.91 -18.29 -10.46
C GLU A 113 12.97 -17.35 -9.26
N VAL A 114 12.54 -16.10 -9.46
CA VAL A 114 12.56 -15.09 -8.41
C VAL A 114 11.53 -15.41 -7.33
N ALA A 115 10.57 -16.26 -7.66
CA ALA A 115 9.48 -16.61 -6.74
C ALA A 115 9.92 -17.62 -5.69
N GLN A 116 11.23 -17.75 -5.50
CA GLN A 116 11.76 -18.67 -4.52
C GLN A 116 12.35 -17.90 -3.35
N LYS A 117 13.29 -17.01 -3.66
CA LYS A 117 13.95 -16.19 -2.64
C LYS A 117 12.96 -15.22 -2.01
N PHE A 118 11.91 -14.88 -2.75
CA PHE A 118 10.93 -13.91 -2.29
C PHE A 118 9.53 -14.51 -2.14
N GLN A 119 9.22 -15.01 -0.94
CA GLN A 119 7.90 -15.54 -0.66
C GLN A 119 7.15 -14.66 0.34
N GLY A 120 5.89 -14.96 0.56
CA GLY A 120 5.08 -14.25 1.53
C GLY A 120 4.78 -12.80 1.14
N VAL A 121 4.90 -12.51 -0.14
CA VAL A 121 4.65 -11.16 -0.64
C VAL A 121 3.23 -10.99 -1.17
N ARG A 122 2.34 -10.50 -0.31
CA ARG A 122 0.95 -10.26 -0.68
C ARG A 122 0.65 -8.78 -0.73
N LEU A 123 -0.62 -8.44 -0.98
CA LEU A 123 -1.04 -7.05 -1.04
C LEU A 123 -1.91 -6.65 0.14
N LEU A 124 -1.62 -5.49 0.71
CA LEU A 124 -2.43 -4.95 1.80
C LEU A 124 -3.72 -4.37 1.24
N ARG A 125 -4.82 -4.66 1.93
CA ARG A 125 -6.11 -4.06 1.61
C ARG A 125 -6.21 -2.70 2.31
N GLN A 126 -5.74 -1.65 1.64
CA GLN A 126 -5.67 -0.33 2.26
C GLN A 126 -6.96 0.48 2.13
N ASP A 127 -7.11 1.44 3.04
CA ASP A 127 -8.22 2.40 2.99
C ASP A 127 -8.01 3.36 1.83
N PRO A 128 -9.07 3.59 1.03
CA PRO A 128 -9.00 4.45 -0.16
C PRO A 128 -8.34 5.80 0.11
N ILE A 129 -8.77 6.50 1.16
CA ILE A 129 -8.24 7.84 1.44
C ILE A 129 -6.74 7.82 1.69
N GLU A 130 -6.30 7.05 2.68
CA GLU A 130 -4.89 6.96 3.01
C GLU A 130 -4.09 6.63 1.75
N CYS A 131 -4.59 5.67 0.98
CA CYS A 131 -3.89 5.21 -0.21
C CYS A 131 -3.82 6.30 -1.29
N LEU A 132 -4.94 6.99 -1.48
CA LEU A 132 -5.02 8.02 -2.51
C LEU A 132 -3.94 9.08 -2.33
N PHE A 133 -3.94 9.71 -1.16
CA PHE A 133 -3.03 10.82 -0.89
C PHE A 133 -1.58 10.37 -0.65
N SER A 134 -1.41 9.16 -0.15
CA SER A 134 -0.07 8.63 0.05
C SER A 134 0.66 8.46 -1.28
N PHE A 135 -0.05 7.95 -2.28
CA PHE A 135 0.55 7.71 -3.58
C PHE A 135 0.59 8.94 -4.47
N ILE A 136 -0.11 9.99 -4.06
CA ILE A 136 0.01 11.28 -4.73
C ILE A 136 1.38 11.85 -4.41
N CYS A 137 1.92 11.48 -3.26
CA CYS A 137 3.22 11.96 -2.81
C CYS A 137 4.37 11.12 -3.35
N SER A 138 4.03 9.98 -3.96
CA SER A 138 5.05 9.04 -4.41
C SER A 138 5.71 9.45 -5.73
N SER A 139 4.93 10.10 -6.59
CA SER A 139 5.42 10.47 -7.92
C SER A 139 6.72 11.27 -7.88
N ASN A 140 7.68 10.85 -8.70
CA ASN A 140 8.98 11.51 -8.78
C ASN A 140 9.59 11.68 -7.39
N ASN A 141 9.68 10.57 -6.66
CA ASN A 141 10.14 10.60 -5.28
C ASN A 141 10.56 9.20 -4.83
N ASN A 142 11.34 9.11 -3.76
CA ASN A 142 11.81 7.82 -3.25
C ASN A 142 11.10 7.40 -1.97
N ILE A 143 10.92 6.10 -1.80
CA ILE A 143 10.21 5.54 -0.65
C ILE A 143 10.66 6.16 0.67
N ALA A 144 11.97 6.39 0.80
CA ALA A 144 12.52 6.99 2.01
C ALA A 144 11.89 8.36 2.29
N ARG A 145 11.85 9.20 1.27
CA ARG A 145 11.25 10.54 1.39
C ARG A 145 9.75 10.47 1.63
N ILE A 146 9.05 9.70 0.81
CA ILE A 146 7.60 9.59 0.88
C ILE A 146 7.12 9.28 2.30
N THR A 147 7.82 8.37 2.97
CA THR A 147 7.43 7.96 4.31
C THR A 147 7.38 9.16 5.25
N GLY A 148 8.46 9.94 5.25
CA GLY A 148 8.53 11.14 6.07
C GLY A 148 7.39 12.09 5.75
N MET A 149 7.19 12.38 4.47
CA MET A 149 6.12 13.29 4.05
C MET A 149 4.77 12.85 4.59
N VAL A 150 4.47 11.56 4.45
CA VAL A 150 3.19 11.03 4.91
C VAL A 150 3.10 11.06 6.44
N GLU A 151 4.24 10.92 7.11
CA GLU A 151 4.28 10.96 8.56
C GLU A 151 3.95 12.35 9.09
N ARG A 152 4.57 13.35 8.49
CA ARG A 152 4.35 14.73 8.88
C ARG A 152 2.94 15.18 8.51
N LEU A 153 2.49 14.77 7.33
CA LEU A 153 1.12 15.04 6.89
C LEU A 153 0.13 14.60 7.96
N CYS A 154 0.29 13.35 8.43
CA CYS A 154 -0.60 12.80 9.43
C CYS A 154 -0.48 13.52 10.77
N GLN A 155 0.74 13.85 11.16
CA GLN A 155 0.95 14.57 12.42
C GLN A 155 0.26 15.92 12.40
N ALA A 156 0.24 16.55 11.23
CA ALA A 156 -0.33 17.88 11.09
C ALA A 156 -1.85 17.89 11.12
N PHE A 157 -2.47 17.04 10.29
CA PHE A 157 -3.92 17.07 10.11
C PHE A 157 -4.61 15.78 10.50
N GLY A 158 -3.87 14.86 11.11
CA GLY A 158 -4.42 13.58 11.50
C GLY A 158 -4.84 13.52 12.96
N PRO A 159 -5.92 12.81 13.26
CA PRO A 159 -6.41 12.64 14.64
C PRO A 159 -5.38 11.96 15.52
N ARG A 160 -5.10 12.55 16.68
CA ARG A 160 -4.16 11.93 17.61
C ARG A 160 -4.75 10.67 18.25
N LEU A 161 -4.03 9.57 18.14
CA LEU A 161 -4.49 8.29 18.67
C LEU A 161 -3.93 8.02 20.07
N ILE A 162 -2.70 7.54 20.12
CA ILE A 162 -2.03 7.24 21.39
C ILE A 162 -0.54 7.51 21.28
N GLN A 163 0.16 7.39 22.40
CA GLN A 163 1.61 7.58 22.42
C GLN A 163 2.33 6.38 23.02
N LEU A 164 3.26 5.82 22.27
CA LEU A 164 4.12 4.75 22.75
C LEU A 164 5.56 5.21 22.64
N ASP A 165 6.25 5.27 23.78
CA ASP A 165 7.59 5.85 23.82
C ASP A 165 7.51 7.30 23.39
N ASP A 166 8.53 7.77 22.67
CA ASP A 166 8.50 9.14 22.16
C ASP A 166 7.89 9.19 20.77
N VAL A 167 6.89 8.34 20.55
CA VAL A 167 6.18 8.27 19.29
C VAL A 167 4.68 8.42 19.49
N THR A 168 4.08 9.40 18.79
CA THR A 168 2.64 9.58 18.83
C THR A 168 2.03 9.18 17.49
N TYR A 169 0.99 8.35 17.53
CA TYR A 169 0.36 7.88 16.31
C TYR A 169 -0.87 8.70 15.95
N HIS A 170 -1.09 8.89 14.65
CA HIS A 170 -2.21 9.69 14.16
C HIS A 170 -3.00 8.96 13.09
N GLY A 171 -4.32 8.97 13.21
CA GLY A 171 -5.16 8.46 12.13
C GLY A 171 -4.89 9.29 10.89
N PHE A 172 -5.03 8.68 9.73
CA PHE A 172 -4.79 9.40 8.47
C PHE A 172 -5.81 10.52 8.34
N PRO A 173 -5.34 11.71 7.97
CA PRO A 173 -6.20 12.89 7.84
C PRO A 173 -7.47 12.62 7.04
N SER A 174 -8.50 13.42 7.26
CA SER A 174 -9.76 13.27 6.54
C SER A 174 -9.82 14.23 5.36
N LEU A 175 -10.83 14.08 4.51
CA LEU A 175 -11.04 14.99 3.39
C LEU A 175 -11.23 16.41 3.89
N GLN A 176 -12.07 16.59 4.91
CA GLN A 176 -12.30 17.90 5.49
C GLN A 176 -11.00 18.52 5.97
N ALA A 177 -10.15 17.69 6.56
CA ALA A 177 -8.86 18.16 7.07
C ALA A 177 -7.94 18.61 5.94
N LEU A 178 -7.90 17.83 4.87
CA LEU A 178 -7.02 18.10 3.74
C LEU A 178 -7.52 19.24 2.88
N ALA A 179 -8.83 19.52 2.98
CA ALA A 179 -9.46 20.56 2.15
C ALA A 179 -9.48 21.91 2.86
N GLY A 180 -9.17 21.90 4.16
CA GLY A 180 -9.21 23.11 4.96
C GLY A 180 -8.37 24.24 4.39
N PRO A 181 -8.54 25.45 4.94
CA PRO A 181 -7.81 26.65 4.50
C PRO A 181 -6.30 26.55 4.73
N GLU A 182 -5.53 27.01 3.75
CA GLU A 182 -4.08 27.13 3.90
C GLU A 182 -3.37 25.79 4.10
N VAL A 183 -4.00 24.70 3.70
CA VAL A 183 -3.37 23.38 3.81
C VAL A 183 -2.09 23.31 2.97
N GLU A 184 -2.18 23.74 1.71
CA GLU A 184 -1.02 23.70 0.82
C GLU A 184 0.16 24.46 1.40
N ALA A 185 -0.10 25.69 1.85
CA ALA A 185 0.94 26.50 2.47
C ALA A 185 1.57 25.75 3.64
N HIS A 186 0.74 25.04 4.38
CA HIS A 186 1.19 24.26 5.53
C HIS A 186 2.00 23.05 5.07
N LEU A 187 1.50 22.37 4.05
CA LEU A 187 2.14 21.14 3.56
C LEU A 187 3.48 21.41 2.90
N ARG A 188 3.68 22.63 2.41
CA ARG A 188 4.97 22.99 1.83
C ARG A 188 6.01 23.16 2.93
N LYS A 189 5.56 23.65 4.09
CA LYS A 189 6.42 23.78 5.25
C LYS A 189 6.91 22.40 5.67
N LEU A 190 6.08 21.39 5.46
CA LEU A 190 6.44 20.01 5.76
C LEU A 190 7.25 19.39 4.62
N GLY A 191 7.61 20.22 3.64
CA GLY A 191 8.48 19.79 2.57
C GLY A 191 7.85 18.82 1.59
N LEU A 192 6.53 18.88 1.44
CA LEU A 192 5.84 18.04 0.47
C LEU A 192 6.04 18.53 -0.96
N GLY A 193 6.72 19.67 -1.09
CA GLY A 193 7.03 20.23 -2.39
C GLY A 193 5.82 20.60 -3.22
N TYR A 194 5.92 20.40 -4.53
CA TYR A 194 4.84 20.78 -5.44
C TYR A 194 3.60 19.90 -5.25
N ARG A 195 3.76 18.79 -4.55
CA ARG A 195 2.64 17.89 -4.29
C ARG A 195 1.75 18.44 -3.19
N ALA A 196 2.18 19.53 -2.56
CA ALA A 196 1.39 20.20 -1.54
C ALA A 196 0.08 20.70 -2.12
N ARG A 197 0.12 21.12 -3.38
CA ARG A 197 -1.07 21.59 -4.08
C ARG A 197 -1.96 20.42 -4.47
N TYR A 198 -1.35 19.35 -4.97
CA TYR A 198 -2.10 18.16 -5.39
C TYR A 198 -3.03 17.65 -4.29
N VAL A 199 -2.51 17.58 -3.07
CA VAL A 199 -3.30 17.14 -1.93
C VAL A 199 -4.50 18.05 -1.70
N SER A 200 -4.22 19.34 -1.57
CA SER A 200 -5.28 20.33 -1.33
C SER A 200 -6.32 20.28 -2.44
N ALA A 201 -5.85 20.40 -3.68
CA ALA A 201 -6.74 20.38 -4.84
C ALA A 201 -7.61 19.13 -4.87
N SER A 202 -6.99 17.97 -4.69
CA SER A 202 -7.71 16.70 -4.74
C SER A 202 -8.72 16.57 -3.61
N ALA A 203 -8.35 17.06 -2.42
CA ALA A 203 -9.26 17.05 -1.28
C ALA A 203 -10.53 17.83 -1.61
N ARG A 204 -10.35 19.05 -2.10
CA ARG A 204 -11.48 19.90 -2.47
C ARG A 204 -12.23 19.36 -3.69
N ALA A 205 -11.47 18.88 -4.67
CA ALA A 205 -12.07 18.33 -5.88
C ALA A 205 -13.04 17.21 -5.54
N ILE A 206 -12.58 16.26 -4.74
CA ILE A 206 -13.41 15.13 -4.34
C ILE A 206 -14.62 15.59 -3.55
N LEU A 207 -14.40 16.51 -2.61
CA LEU A 207 -15.41 16.87 -1.63
C LEU A 207 -16.37 17.96 -2.12
N GLU A 208 -16.05 18.57 -3.25
CA GLU A 208 -16.82 19.72 -3.73
C GLU A 208 -17.30 19.58 -5.17
N GLU A 209 -16.77 18.59 -5.89
CA GLU A 209 -17.13 18.41 -7.30
C GLU A 209 -17.51 16.98 -7.64
N GLN A 210 -17.25 16.06 -6.71
CA GLN A 210 -17.44 14.64 -7.00
C GLN A 210 -18.49 13.96 -6.13
N GLY A 211 -18.64 14.43 -4.90
CA GLY A 211 -19.62 13.85 -4.00
C GLY A 211 -19.00 13.31 -2.72
N GLY A 212 -17.80 13.78 -2.42
CA GLY A 212 -17.14 13.42 -1.18
C GLY A 212 -16.73 11.96 -1.08
N LEU A 213 -16.58 11.49 0.15
CA LEU A 213 -16.08 10.15 0.44
C LEU A 213 -16.85 9.07 -0.29
N ALA A 214 -18.18 9.20 -0.34
CA ALA A 214 -19.04 8.22 -0.98
C ALA A 214 -18.57 7.89 -2.41
N TRP A 215 -18.28 8.93 -3.19
CA TRP A 215 -17.83 8.76 -4.56
C TRP A 215 -16.62 7.83 -4.65
N LEU A 216 -15.64 8.08 -3.80
CA LEU A 216 -14.39 7.33 -3.81
C LEU A 216 -14.59 5.87 -3.46
N GLN A 217 -15.20 5.62 -2.30
CA GLN A 217 -15.42 4.26 -1.80
C GLN A 217 -16.23 3.40 -2.78
N GLN A 218 -17.19 4.02 -3.47
CA GLN A 218 -18.06 3.29 -4.38
C GLN A 218 -17.33 2.78 -5.63
N LEU A 219 -16.01 2.99 -5.67
CA LEU A 219 -15.20 2.50 -6.78
C LEU A 219 -14.71 1.08 -6.52
N ARG A 220 -14.98 0.58 -5.31
CA ARG A 220 -14.66 -0.81 -4.97
C ARG A 220 -15.66 -1.75 -5.62
N GLU A 221 -16.75 -1.18 -6.15
CA GLU A 221 -17.77 -1.95 -6.84
C GLU A 221 -17.66 -1.74 -8.35
N SER A 222 -17.23 -0.54 -8.75
CA SER A 222 -17.04 -0.22 -10.16
C SER A 222 -16.02 -1.15 -10.80
N SER A 223 -15.83 -1.02 -12.10
CA SER A 223 -14.86 -1.84 -12.81
C SER A 223 -13.52 -1.11 -12.85
N TYR A 224 -12.44 -1.86 -12.99
CA TYR A 224 -11.10 -1.30 -13.06
C TYR A 224 -11.03 -0.17 -14.08
N GLU A 225 -11.52 -0.41 -15.29
CA GLU A 225 -11.53 0.62 -16.33
C GLU A 225 -12.31 1.84 -15.88
N GLU A 226 -13.46 1.61 -15.26
CA GLU A 226 -14.28 2.70 -14.74
C GLU A 226 -13.50 3.51 -13.71
N ALA A 227 -13.07 2.85 -12.65
CA ALA A 227 -12.38 3.51 -11.55
C ALA A 227 -11.10 4.23 -12.01
N HIS A 228 -10.27 3.53 -12.75
CA HIS A 228 -9.03 4.12 -13.26
C HIS A 228 -9.33 5.43 -13.98
N LYS A 229 -10.33 5.39 -14.86
CA LYS A 229 -10.76 6.57 -15.59
C LYS A 229 -11.25 7.67 -14.62
N ALA A 230 -11.93 7.24 -13.57
CA ALA A 230 -12.50 8.17 -12.61
C ALA A 230 -11.43 8.93 -11.81
N LEU A 231 -10.39 8.22 -11.40
CA LEU A 231 -9.34 8.80 -10.57
C LEU A 231 -8.53 9.90 -11.27
N CYS A 232 -8.12 9.64 -12.50
CA CYS A 232 -7.16 10.50 -13.19
C CYS A 232 -7.55 11.98 -13.25
N ILE A 233 -8.85 12.26 -13.17
CA ILE A 233 -9.31 13.64 -13.21
C ILE A 233 -8.85 14.41 -11.98
N LEU A 234 -8.41 13.67 -10.96
CA LEU A 234 -7.88 14.30 -9.76
C LEU A 234 -6.47 14.84 -10.00
N PRO A 235 -6.19 16.03 -9.46
CA PRO A 235 -4.87 16.67 -9.61
C PRO A 235 -3.77 15.84 -8.96
N GLY A 236 -2.70 15.56 -9.71
CA GLY A 236 -1.60 14.78 -9.21
C GLY A 236 -1.81 13.28 -9.40
N VAL A 237 -2.93 12.93 -10.00
CA VAL A 237 -3.26 11.54 -10.26
C VAL A 237 -3.21 11.23 -11.75
N GLY A 238 -2.23 10.42 -12.14
CA GLY A 238 -2.11 9.96 -13.52
C GLY A 238 -2.38 8.47 -13.59
N THR A 239 -1.81 7.81 -14.60
CA THR A 239 -2.04 6.39 -14.79
C THR A 239 -1.31 5.55 -13.74
N LYS A 240 -0.05 5.89 -13.49
CA LYS A 240 0.77 5.17 -12.53
C LYS A 240 0.17 5.24 -11.12
N VAL A 241 -0.22 6.45 -10.71
CA VAL A 241 -0.81 6.64 -9.39
C VAL A 241 -2.18 5.99 -9.28
N ALA A 242 -2.97 6.09 -10.35
CA ALA A 242 -4.29 5.48 -10.38
C ALA A 242 -4.19 3.97 -10.24
N ASP A 243 -3.29 3.36 -10.99
CA ASP A 243 -3.07 1.92 -10.92
C ASP A 243 -2.76 1.46 -9.51
N CYS A 244 -2.04 2.28 -8.76
CA CYS A 244 -1.70 1.96 -7.38
C CYS A 244 -2.96 1.93 -6.52
N ILE A 245 -3.71 3.03 -6.56
CA ILE A 245 -4.92 3.15 -5.76
C ILE A 245 -5.91 2.03 -6.06
N CYS A 246 -6.06 1.71 -7.34
CA CYS A 246 -6.94 0.62 -7.77
C CYS A 246 -6.46 -0.71 -7.17
N LEU A 247 -5.19 -1.01 -7.40
CA LEU A 247 -4.59 -2.27 -6.98
C LEU A 247 -4.61 -2.48 -5.47
N MET A 248 -4.30 -1.42 -4.73
CA MET A 248 -4.08 -1.55 -3.29
C MET A 248 -5.30 -1.22 -2.42
N ALA A 249 -6.17 -0.35 -2.92
CA ALA A 249 -7.33 0.06 -2.15
C ALA A 249 -8.66 -0.27 -2.82
N LEU A 250 -8.68 -0.25 -4.15
CA LEU A 250 -9.95 -0.37 -4.88
C LEU A 250 -10.25 -1.78 -5.39
N ASP A 251 -9.58 -2.78 -4.81
CA ASP A 251 -9.91 -4.18 -5.11
C ASP A 251 -9.84 -4.55 -6.59
N LYS A 252 -8.91 -3.95 -7.32
CA LYS A 252 -8.71 -4.30 -8.73
C LYS A 252 -7.36 -4.99 -8.91
N PRO A 253 -7.32 -6.31 -8.66
CA PRO A 253 -6.07 -7.09 -8.68
C PRO A 253 -5.37 -7.13 -10.03
N GLN A 254 -6.08 -6.79 -11.10
CA GLN A 254 -5.48 -6.82 -12.44
C GLN A 254 -4.74 -5.54 -12.77
N ALA A 255 -4.87 -4.54 -11.89
CA ALA A 255 -4.19 -3.27 -12.09
C ALA A 255 -2.67 -3.45 -12.03
N VAL A 256 -1.98 -2.94 -13.05
CA VAL A 256 -0.53 -3.09 -13.14
C VAL A 256 0.17 -1.74 -13.25
N PRO A 257 0.49 -1.14 -12.09
CA PRO A 257 1.24 0.13 -12.03
C PRO A 257 2.53 0.05 -12.84
N VAL A 258 2.63 0.86 -13.88
CA VAL A 258 3.81 0.87 -14.72
C VAL A 258 4.69 2.08 -14.40
N ASP A 259 5.92 1.81 -13.94
CA ASP A 259 6.87 2.87 -13.62
C ASP A 259 8.28 2.46 -14.04
N VAL A 260 9.27 3.20 -13.56
CA VAL A 260 10.66 2.90 -13.88
C VAL A 260 11.00 1.45 -13.59
N HIS A 261 10.77 1.02 -12.35
CA HIS A 261 11.06 -0.36 -11.95
C HIS A 261 10.41 -1.36 -12.90
N MET A 262 9.11 -1.19 -13.13
CA MET A 262 8.38 -2.09 -14.01
C MET A 262 8.86 -2.00 -15.45
N TRP A 263 9.38 -0.84 -15.84
CA TRP A 263 9.86 -0.66 -17.21
C TRP A 263 11.25 -1.27 -17.38
N HIS A 264 12.08 -1.18 -16.34
CA HIS A 264 13.37 -1.84 -16.34
C HIS A 264 13.18 -3.35 -16.37
N ILE A 265 12.39 -3.85 -15.41
CA ILE A 265 12.09 -5.27 -15.34
C ILE A 265 11.50 -5.78 -16.64
N ALA A 266 10.69 -4.94 -17.29
CA ALA A 266 10.05 -5.33 -18.54
C ALA A 266 11.01 -5.25 -19.73
N GLN A 267 12.18 -4.68 -19.51
CA GLN A 267 13.19 -4.58 -20.56
C GLN A 267 14.35 -5.52 -20.34
N ARG A 268 14.57 -5.89 -19.08
CA ARG A 268 15.72 -6.69 -18.71
C ARG A 268 15.37 -8.16 -18.55
N ASP A 269 14.26 -8.43 -17.89
CA ASP A 269 13.88 -9.80 -17.54
C ASP A 269 12.92 -10.44 -18.55
N TYR A 270 12.25 -9.60 -19.33
CA TYR A 270 11.27 -10.09 -20.29
C TYR A 270 11.54 -9.61 -21.71
N SER A 271 12.66 -8.91 -21.88
CA SER A 271 13.07 -8.42 -23.19
C SER A 271 11.87 -7.88 -23.98
N TRP A 272 11.09 -7.03 -23.33
CA TRP A 272 9.87 -6.50 -23.94
C TRP A 272 10.18 -5.29 -24.82
N HIS A 273 9.46 -5.16 -25.91
CA HIS A 273 9.64 -4.07 -26.86
C HIS A 273 8.28 -3.60 -27.36
N PRO A 274 8.01 -2.29 -27.24
CA PRO A 274 6.73 -1.70 -27.63
C PRO A 274 6.33 -2.09 -29.05
N THR A 275 5.43 -3.08 -29.17
CA THR A 275 4.96 -3.53 -30.47
C THR A 275 4.29 -2.41 -31.26
N THR A 276 3.09 -2.04 -30.84
CA THR A 276 2.34 -0.98 -31.51
C THR A 276 2.43 0.33 -30.74
N SER A 277 3.51 1.08 -30.98
CA SER A 277 3.69 2.38 -30.33
C SER A 277 4.66 3.26 -31.09
N GLN A 278 4.21 4.47 -31.40
CA GLN A 278 5.05 5.45 -32.10
C GLN A 278 6.39 5.68 -31.40
N ALA A 279 6.36 5.81 -30.09
CA ALA A 279 7.57 6.08 -29.33
C ALA A 279 8.31 4.80 -28.95
N LYS A 280 9.36 4.95 -28.16
CA LYS A 280 10.17 3.81 -27.73
C LYS A 280 10.31 3.78 -26.21
N GLY A 281 10.08 4.93 -25.58
CA GLY A 281 10.22 5.05 -24.14
C GLY A 281 8.88 5.07 -23.43
N PRO A 282 8.90 5.32 -22.11
CA PRO A 282 7.69 5.37 -21.27
C PRO A 282 6.74 6.51 -21.64
N CYS A 283 6.13 6.43 -22.80
CA CYS A 283 5.06 7.35 -23.17
C CYS A 283 3.71 6.73 -22.84
N PRO A 284 2.72 7.57 -22.50
CA PRO A 284 1.37 7.16 -22.12
C PRO A 284 0.95 5.85 -22.80
N GLN A 285 1.11 5.82 -24.12
CA GLN A 285 0.70 4.69 -24.92
C GLN A 285 1.37 3.39 -24.50
N THR A 286 2.71 3.37 -24.59
CA THR A 286 3.48 2.18 -24.24
C THR A 286 3.11 1.65 -22.87
N ASN A 287 3.13 2.52 -21.87
CA ASN A 287 2.83 2.15 -20.49
C ASN A 287 1.52 1.36 -20.37
N LYS A 288 0.51 1.83 -21.09
CA LYS A 288 -0.78 1.16 -21.10
C LYS A 288 -0.67 -0.21 -21.74
N GLU A 289 0.11 -0.28 -22.83
CA GLU A 289 0.34 -1.53 -23.53
C GLU A 289 1.14 -2.51 -22.67
N LEU A 290 2.16 -2.00 -22.00
CA LEU A 290 2.99 -2.82 -21.14
C LEU A 290 2.14 -3.51 -20.08
N GLY A 291 1.22 -2.76 -19.49
CA GLY A 291 0.32 -3.29 -18.48
C GLY A 291 -0.50 -4.45 -19.02
N ASN A 292 -1.07 -4.25 -20.20
CA ASN A 292 -1.85 -5.29 -20.86
C ASN A 292 -1.04 -6.57 -21.02
N PHE A 293 0.23 -6.41 -21.37
CA PHE A 293 1.12 -7.54 -21.55
C PHE A 293 1.21 -8.40 -20.30
N PHE A 294 1.29 -7.77 -19.14
CA PHE A 294 1.37 -8.51 -17.88
C PHE A 294 0.02 -9.09 -17.47
N ARG A 295 -1.06 -8.41 -17.84
CA ARG A 295 -2.41 -8.90 -17.55
C ARG A 295 -2.70 -10.18 -18.31
N SER A 296 -2.13 -10.31 -19.50
CA SER A 296 -2.29 -11.52 -20.30
C SER A 296 -1.34 -12.60 -19.81
N LEU A 297 -0.11 -12.21 -19.51
CA LEU A 297 0.90 -13.13 -19.02
C LEU A 297 0.50 -13.76 -17.68
N TRP A 298 0.27 -12.91 -16.67
CA TRP A 298 -0.02 -13.39 -15.32
C TRP A 298 -1.51 -13.61 -15.05
N GLY A 299 -2.37 -12.87 -15.76
CA GLY A 299 -3.80 -13.04 -15.64
C GLY A 299 -4.47 -12.04 -14.70
N PRO A 300 -5.66 -12.38 -14.20
CA PRO A 300 -6.51 -11.56 -13.34
C PRO A 300 -5.77 -10.93 -12.17
N TYR A 301 -4.66 -11.52 -11.75
CA TYR A 301 -3.90 -10.99 -10.62
C TYR A 301 -2.52 -10.50 -11.02
N ALA A 302 -2.42 -9.97 -12.24
CA ALA A 302 -1.17 -9.42 -12.74
C ALA A 302 -0.62 -8.37 -11.78
N GLY A 303 -1.51 -7.80 -10.97
CA GLY A 303 -1.12 -6.79 -10.00
C GLY A 303 -0.30 -7.36 -8.86
N TRP A 304 -0.79 -8.45 -8.27
CA TRP A 304 -0.09 -9.10 -7.17
C TRP A 304 1.27 -9.63 -7.61
N ALA A 305 1.33 -10.13 -8.85
CA ALA A 305 2.58 -10.61 -9.41
C ALA A 305 3.58 -9.46 -9.52
N GLN A 306 3.12 -8.32 -10.02
CA GLN A 306 3.96 -7.13 -10.10
C GLN A 306 4.58 -6.81 -8.74
N ALA A 307 3.74 -6.81 -7.70
CA ALA A 307 4.20 -6.51 -6.36
C ALA A 307 5.28 -7.48 -5.90
N VAL A 308 5.20 -8.72 -6.36
CA VAL A 308 6.18 -9.74 -6.00
C VAL A 308 7.55 -9.40 -6.59
N LEU A 309 7.58 -9.07 -7.87
CA LEU A 309 8.82 -8.70 -8.53
C LEU A 309 9.30 -7.32 -8.06
N PHE A 310 8.37 -6.37 -7.99
CA PHE A 310 8.68 -5.01 -7.55
C PHE A 310 9.41 -5.02 -6.20
N SER A 311 8.96 -5.87 -5.28
CA SER A 311 9.60 -5.98 -3.98
C SER A 311 11.00 -6.56 -4.11
N ALA A 312 11.13 -7.61 -4.91
CA ALA A 312 12.43 -8.23 -5.15
C ALA A 312 13.42 -7.23 -5.75
N ASP A 313 12.92 -6.36 -6.62
CA ASP A 313 13.76 -5.40 -7.32
C ASP A 313 14.24 -4.30 -6.37
N LEU A 314 13.41 -3.95 -5.40
CA LEU A 314 13.77 -2.95 -4.39
C LEU A 314 14.94 -3.43 -3.54
N ARG A 315 14.76 -4.59 -2.89
CA ARG A 315 15.82 -5.20 -2.10
C ARG A 315 16.85 -5.86 -3.01
N GLN A 316 17.21 -5.16 -4.08
CA GLN A 316 18.16 -5.68 -5.06
C GLN A 316 18.90 -4.51 -5.71
#